data_3TS2
#
_entry.id   3TS2
#
_cell.length_a   46.030
_cell.length_b   109.210
_cell.length_c   182.910
_cell.angle_alpha   90.00
_cell.angle_beta   90.00
_cell.angle_gamma   90.00
#
_symmetry.space_group_name_H-M   'C 2 2 21'
#
loop_
_entity.id
_entity.type
_entity.pdbx_description
1 polymer 'Protein lin-28 homolog A'
2 polymer "RNA (5'-R(*GP*GP*GP*GP*UP*CP*UP*AP*UP*GP*AP*UP*AP*CP*CP*AP*CP*CP*CP*CP*GP*GP*AP*G)-3')"
3 non-polymer 'ZINC ION'
4 water water
#
loop_
_entity_poly.entity_id
_entity_poly.type
_entity_poly.pdbx_seq_one_letter_code
_entity_poly.pdbx_strand_id
1 'polypeptide(L)'
;AADEPQLLHGAGICKWFNVRMGFGFLSMTARAGVALDPPVDVFVHQSKLHMEGFRSLKEGEAVEFTFKKSAKGLESIRVT
GPGGVFCIGSERRPKGGDRCYNCGGLDHHAKECKLPPQPKKCHFCQSINHMVASCPLKAQQGPSSQGK
;
A,B
2 'polyribonucleotide' (GMP)GGGUCUAUGAUACCACCCCGGAG U,V
#
# COMPACT_ATOMS: atom_id res chain seq x y z
N GLN A 6 -29.25 -24.26 -22.90
CA GLN A 6 -28.72 -23.01 -23.43
C GLN A 6 -28.03 -22.17 -22.35
N LEU A 7 -26.71 -21.94 -22.50
CA LEU A 7 -25.94 -21.12 -21.58
C LEU A 7 -26.28 -19.61 -21.74
N LEU A 8 -26.31 -18.89 -20.61
CA LEU A 8 -26.66 -17.48 -20.53
C LEU A 8 -25.44 -16.57 -20.72
N HIS A 9 -25.67 -15.39 -21.30
CA HIS A 9 -24.64 -14.39 -21.59
C HIS A 9 -24.85 -13.13 -20.76
N GLY A 10 -23.75 -12.58 -20.27
CA GLY A 10 -23.77 -11.39 -19.43
C GLY A 10 -22.52 -10.53 -19.55
N ALA A 11 -22.59 -9.34 -18.98
CA ALA A 11 -21.46 -8.42 -18.97
C ALA A 11 -21.50 -7.59 -17.67
N GLY A 12 -20.36 -7.06 -17.28
CA GLY A 12 -20.30 -6.22 -16.09
C GLY A 12 -18.89 -5.94 -15.68
N ILE A 13 -18.65 -5.94 -14.38
CA ILE A 13 -17.33 -5.69 -13.82
C ILE A 13 -17.06 -6.72 -12.73
N CYS A 14 -15.80 -6.85 -12.34
CA CYS A 14 -15.50 -7.68 -11.19
C CYS A 14 -15.97 -6.90 -9.95
N LYS A 15 -16.83 -7.52 -9.11
CA LYS A 15 -17.29 -6.86 -7.87
C LYS A 15 -16.14 -6.89 -6.86
N TRP A 16 -15.59 -8.08 -6.61
CA TRP A 16 -14.41 -8.29 -5.79
C TRP A 16 -13.83 -9.66 -6.13
N PHE A 17 -12.56 -9.85 -5.87
CA PHE A 17 -11.93 -11.13 -6.12
C PHE A 17 -10.90 -11.40 -5.05
N ASN A 18 -11.06 -12.51 -4.31
CA ASN A 18 -10.08 -12.89 -3.29
C ASN A 18 -9.01 -13.77 -3.98
N VAL A 19 -7.84 -13.18 -4.24
CA VAL A 19 -6.72 -13.78 -4.97
C VAL A 19 -6.25 -15.12 -4.37
N ARG A 20 -6.07 -15.18 -3.06
CA ARG A 20 -5.59 -16.38 -2.38
C ARG A 20 -6.68 -17.43 -2.15
N MET A 21 -7.96 -17.00 -2.10
CA MET A 21 -9.05 -17.98 -2.00
C MET A 21 -9.47 -18.50 -3.40
N GLY A 22 -9.02 -17.84 -4.46
CA GLY A 22 -9.30 -18.21 -5.85
C GLY A 22 -10.73 -18.03 -6.32
N PHE A 23 -11.46 -17.09 -5.72
CA PHE A 23 -12.84 -16.85 -6.16
C PHE A 23 -13.26 -15.43 -5.84
N GLY A 24 -14.37 -15.03 -6.43
CA GLY A 24 -14.96 -13.74 -6.18
C GLY A 24 -16.32 -13.67 -6.81
N PHE A 25 -16.81 -12.45 -7.02
CA PHE A 25 -18.09 -12.22 -7.66
C PHE A 25 -17.94 -11.16 -8.74
N LEU A 26 -18.76 -11.28 -9.78
CA LEU A 26 -18.92 -10.33 -10.85
C LEU A 26 -20.20 -9.56 -10.57
N SER A 27 -20.18 -8.26 -10.87
CA SER A 27 -21.38 -7.45 -10.76
C SER A 27 -21.93 -7.42 -12.20
N MET A 28 -23.06 -8.13 -12.42
CA MET A 28 -23.65 -8.22 -13.76
C MET A 28 -24.56 -7.02 -13.96
N THR A 29 -24.16 -6.16 -14.91
CA THR A 29 -24.93 -4.95 -15.25
C THR A 29 -25.66 -5.09 -16.56
N ALA A 30 -25.42 -6.22 -17.25
CA ALA A 30 -26.09 -6.49 -18.54
C ALA A 30 -26.33 -7.99 -18.67
N ARG A 31 -27.56 -8.40 -18.99
CA ARG A 31 -27.89 -9.81 -19.16
C ARG A 31 -28.62 -9.94 -20.48
N ALA A 32 -28.11 -10.84 -21.35
CA ALA A 32 -28.65 -11.13 -22.69
C ALA A 32 -28.91 -9.83 -23.48
N GLY A 33 -27.98 -8.88 -23.38
CA GLY A 33 -28.08 -7.60 -24.07
C GLY A 33 -29.04 -6.56 -23.48
N VAL A 34 -29.53 -6.81 -22.25
CA VAL A 34 -30.46 -5.90 -21.55
C VAL A 34 -29.73 -5.34 -20.32
N ALA A 35 -29.76 -4.00 -20.12
CA ALA A 35 -29.17 -3.40 -18.92
C ALA A 35 -29.92 -3.87 -17.66
N LEU A 36 -29.17 -4.20 -16.59
CA LEU A 36 -29.74 -4.63 -15.33
C LEU A 36 -29.49 -3.54 -14.29
N ASP A 37 -30.54 -3.06 -13.66
CA ASP A 37 -30.48 -2.10 -12.57
C ASP A 37 -31.59 -2.48 -11.57
N PRO A 38 -31.27 -3.00 -10.36
CA PRO A 38 -29.93 -3.18 -9.77
C PRO A 38 -29.12 -4.29 -10.43
N PRO A 39 -27.76 -4.21 -10.35
CA PRO A 39 -26.94 -5.31 -10.88
C PRO A 39 -27.13 -6.57 -10.04
N VAL A 40 -26.73 -7.72 -10.57
CA VAL A 40 -26.82 -8.96 -9.82
C VAL A 40 -25.46 -9.64 -9.73
N ASP A 41 -25.19 -10.26 -8.58
CA ASP A 41 -23.90 -10.94 -8.37
C ASP A 41 -23.83 -12.29 -9.07
N VAL A 42 -22.72 -12.57 -9.73
CA VAL A 42 -22.48 -13.84 -10.41
C VAL A 42 -21.18 -14.37 -9.83
N PHE A 43 -21.25 -15.60 -9.27
CA PHE A 43 -20.06 -16.22 -8.69
C PHE A 43 -18.98 -16.47 -9.77
N VAL A 44 -17.72 -16.32 -9.40
CA VAL A 44 -16.63 -16.62 -10.33
C VAL A 44 -15.50 -17.37 -9.64
N HIS A 45 -15.08 -18.51 -10.20
CA HIS A 45 -13.93 -19.25 -9.71
C HIS A 45 -12.71 -18.92 -10.65
N GLN A 46 -11.49 -18.94 -10.11
CA GLN A 46 -10.27 -18.71 -10.88
C GLN A 46 -10.15 -19.61 -12.10
N SER A 47 -10.62 -20.89 -12.03
CA SER A 47 -10.57 -21.85 -13.15
C SER A 47 -11.37 -21.40 -14.39
N LYS A 48 -12.30 -20.45 -14.22
CA LYS A 48 -13.17 -19.98 -15.28
C LYS A 48 -12.69 -18.70 -15.95
N LEU A 49 -11.50 -18.21 -15.55
CA LEU A 49 -10.98 -16.96 -16.10
C LEU A 49 -10.18 -17.20 -17.36
N HIS A 50 -10.57 -16.54 -18.45
CA HIS A 50 -9.85 -16.62 -19.72
C HIS A 50 -8.68 -15.63 -19.65
N MET A 51 -7.48 -16.15 -19.33
CA MET A 51 -6.23 -15.40 -19.18
C MET A 51 -5.07 -16.39 -19.06
N GLU A 52 -3.85 -15.90 -19.30
CA GLU A 52 -2.65 -16.73 -19.25
C GLU A 52 -2.02 -16.74 -17.88
N GLY A 53 -1.34 -17.83 -17.57
CA GLY A 53 -0.65 -17.98 -16.29
C GLY A 53 -1.54 -18.02 -15.07
N PHE A 54 -1.08 -17.37 -13.99
CA PHE A 54 -1.82 -17.28 -12.73
C PHE A 54 -3.13 -16.49 -12.95
N ARG A 55 -4.27 -17.10 -12.62
CA ARG A 55 -5.58 -16.48 -12.84
C ARG A 55 -6.14 -15.75 -11.59
N SER A 56 -6.66 -14.53 -11.79
CA SER A 56 -7.34 -13.70 -10.77
C SER A 56 -7.99 -12.55 -11.50
N LEU A 57 -8.80 -11.78 -10.80
CA LEU A 57 -9.38 -10.56 -11.37
C LEU A 57 -9.02 -9.38 -10.49
N LYS A 58 -8.92 -8.19 -11.09
CA LYS A 58 -8.77 -7.01 -10.26
C LYS A 58 -10.17 -6.45 -10.04
N GLU A 59 -10.41 -5.87 -8.89
CA GLU A 59 -11.69 -5.24 -8.56
C GLU A 59 -12.01 -4.15 -9.60
N GLY A 60 -13.23 -4.21 -10.15
CA GLY A 60 -13.71 -3.23 -11.11
C GLY A 60 -13.37 -3.45 -12.57
N GLU A 61 -12.54 -4.46 -12.90
CA GLU A 61 -12.22 -4.67 -14.29
C GLU A 61 -13.44 -5.14 -15.09
N ALA A 62 -13.56 -4.63 -16.32
CA ALA A 62 -14.68 -4.92 -17.25
C ALA A 62 -14.67 -6.35 -17.73
N VAL A 63 -15.84 -7.03 -17.62
CA VAL A 63 -15.91 -8.45 -18.02
C VAL A 63 -17.10 -8.76 -18.92
N GLU A 64 -16.95 -9.80 -19.76
CA GLU A 64 -18.02 -10.39 -20.59
C GLU A 64 -17.93 -11.84 -20.20
N PHE A 65 -19.08 -12.52 -20.09
CA PHE A 65 -19.07 -13.89 -19.61
C PHE A 65 -20.29 -14.70 -19.99
N THR A 66 -20.13 -16.02 -19.93
CA THR A 66 -21.24 -16.95 -20.02
C THR A 66 -21.42 -17.43 -18.58
N PHE A 67 -22.64 -17.79 -18.22
CA PHE A 67 -22.98 -18.25 -16.89
C PHE A 67 -24.19 -19.13 -16.94
N LYS A 68 -24.46 -19.79 -15.81
CA LYS A 68 -25.60 -20.68 -15.65
C LYS A 68 -26.11 -20.56 -14.23
N LYS A 69 -27.32 -21.07 -14.01
CA LYS A 69 -27.89 -21.16 -12.68
C LYS A 69 -27.24 -22.39 -12.01
N SER A 70 -26.84 -22.25 -10.76
CA SER A 70 -26.26 -23.35 -9.99
C SER A 70 -27.07 -23.48 -8.71
N ALA A 71 -26.84 -24.54 -7.91
CA ALA A 71 -27.56 -24.74 -6.65
C ALA A 71 -27.36 -23.57 -5.65
N LYS A 72 -26.18 -22.92 -5.70
CA LYS A 72 -25.80 -21.81 -4.83
C LYS A 72 -26.10 -20.38 -5.36
N GLY A 73 -26.56 -20.28 -6.61
CA GLY A 73 -26.88 -18.99 -7.24
C GLY A 73 -26.57 -18.99 -8.71
N LEU A 74 -25.82 -17.98 -9.17
CA LEU A 74 -25.40 -17.85 -10.57
C LEU A 74 -23.91 -18.12 -10.63
N GLU A 75 -23.49 -18.94 -11.58
CA GLU A 75 -22.10 -19.37 -11.71
C GLU A 75 -21.53 -19.13 -13.10
N SER A 76 -20.38 -18.44 -13.15
CA SER A 76 -19.64 -18.13 -14.36
C SER A 76 -19.15 -19.41 -15.01
N ILE A 77 -19.21 -19.46 -16.34
CA ILE A 77 -18.70 -20.62 -17.09
C ILE A 77 -17.37 -20.22 -17.69
N ARG A 78 -17.30 -19.04 -18.31
CA ARG A 78 -16.09 -18.51 -18.96
C ARG A 78 -16.17 -16.98 -18.92
N VAL A 79 -15.14 -16.34 -18.35
CA VAL A 79 -15.07 -14.91 -18.15
C VAL A 79 -13.90 -14.33 -18.95
N THR A 80 -14.15 -13.27 -19.72
CA THR A 80 -13.11 -12.63 -20.50
C THR A 80 -13.24 -11.14 -20.29
N GLY A 81 -12.31 -10.39 -20.87
CA GLY A 81 -12.39 -8.95 -20.93
C GLY A 81 -13.33 -8.58 -22.08
N PRO A 82 -13.59 -7.27 -22.31
CA PRO A 82 -14.48 -6.90 -23.42
C PRO A 82 -13.97 -7.41 -24.77
N GLY A 83 -14.89 -7.90 -25.59
CA GLY A 83 -14.60 -8.42 -26.93
C GLY A 83 -13.86 -9.74 -26.96
N GLY A 84 -13.85 -10.46 -25.83
CA GLY A 84 -13.21 -11.78 -25.70
C GLY A 84 -11.74 -11.78 -25.38
N VAL A 85 -11.15 -10.61 -25.12
CA VAL A 85 -9.72 -10.49 -24.80
C VAL A 85 -9.41 -11.14 -23.41
N PHE A 86 -8.11 -11.36 -23.09
CA PHE A 86 -7.75 -11.89 -21.76
C PHE A 86 -8.13 -10.90 -20.65
N CYS A 87 -8.50 -11.44 -19.46
CA CYS A 87 -8.76 -10.63 -18.25
C CYS A 87 -7.44 -10.00 -17.83
N ILE A 88 -7.48 -8.94 -17.00
CA ILE A 88 -6.27 -8.27 -16.52
C ILE A 88 -5.63 -9.02 -15.36
N GLY A 89 -6.39 -9.20 -14.30
CA GLY A 89 -5.87 -9.84 -13.10
C GLY A 89 -5.46 -8.85 -12.05
N SER A 90 -5.31 -9.34 -10.83
CA SER A 90 -4.98 -8.53 -9.65
C SER A 90 -3.57 -7.95 -9.68
N GLU A 91 -3.42 -6.71 -9.18
CA GLU A 91 -2.12 -6.02 -9.03
C GLU A 91 -1.33 -6.69 -7.89
N ARG A 92 -2.00 -7.50 -7.01
CA ARG A 92 -1.37 -8.26 -5.91
C ARG A 92 -0.39 -9.32 -6.45
N ARG A 93 -0.59 -9.78 -7.72
CA ARG A 93 0.31 -10.74 -8.38
C ARG A 93 0.80 -10.13 -9.70
N PRO A 94 1.77 -9.20 -9.68
CA PRO A 94 2.22 -8.60 -10.95
C PRO A 94 2.95 -9.59 -11.83
N LYS A 95 2.74 -9.49 -13.15
CA LYS A 95 3.40 -10.36 -14.13
C LYS A 95 4.42 -9.55 -14.94
N GLY A 96 5.40 -10.25 -15.48
CA GLY A 96 6.45 -9.67 -16.33
C GLY A 96 6.37 -10.16 -17.76
N GLY A 97 6.88 -9.36 -18.67
CA GLY A 97 6.92 -9.69 -20.08
C GLY A 97 6.02 -8.82 -20.93
N ASP A 98 6.37 -8.73 -22.22
CA ASP A 98 5.66 -7.95 -23.23
C ASP A 98 4.26 -8.52 -23.46
N ARG A 99 3.27 -7.64 -23.51
CA ARG A 99 1.90 -8.03 -23.77
C ARG A 99 1.54 -7.56 -25.20
N CYS A 100 0.71 -8.34 -25.92
CA CYS A 100 0.20 -7.98 -27.24
C CYS A 100 -0.69 -6.73 -27.05
N TYR A 101 -0.50 -5.68 -27.86
CA TYR A 101 -1.32 -4.48 -27.66
C TYR A 101 -2.83 -4.64 -27.99
N ASN A 102 -3.20 -5.70 -28.73
CA ASN A 102 -4.59 -5.94 -29.16
C ASN A 102 -5.46 -6.82 -28.23
N CYS A 103 -4.91 -7.97 -27.78
CA CYS A 103 -5.57 -9.00 -26.97
C CYS A 103 -4.99 -9.15 -25.55
N GLY A 104 -3.74 -8.71 -25.37
CA GLY A 104 -3.07 -8.79 -24.08
C GLY A 104 -2.25 -10.05 -23.82
N GLY A 105 -2.09 -10.88 -24.83
CA GLY A 105 -1.30 -12.11 -24.71
C GLY A 105 0.19 -11.87 -24.62
N LEU A 106 0.97 -12.82 -24.05
CA LEU A 106 2.45 -12.67 -23.94
C LEU A 106 3.19 -13.31 -25.14
N ASP A 107 2.52 -14.26 -25.78
CA ASP A 107 2.88 -15.10 -26.92
C ASP A 107 3.44 -14.34 -28.16
N HIS A 108 2.90 -13.12 -28.42
CA HIS A 108 3.12 -12.38 -29.66
C HIS A 108 2.89 -10.86 -29.50
N HIS A 109 3.05 -10.15 -30.63
CA HIS A 109 2.83 -8.72 -30.79
C HIS A 109 1.58 -8.50 -31.66
N ALA A 110 0.94 -7.31 -31.54
CA ALA A 110 -0.31 -6.95 -32.24
C ALA A 110 -0.41 -7.32 -33.72
N LYS A 111 0.70 -7.22 -34.47
CA LYS A 111 0.78 -7.53 -35.91
C LYS A 111 0.50 -9.03 -36.16
N GLU A 112 0.96 -9.90 -35.24
CA GLU A 112 0.79 -11.36 -35.30
C GLU A 112 -0.50 -11.82 -34.59
N CYS A 113 -1.28 -10.88 -33.97
CA CYS A 113 -2.50 -11.25 -33.24
C CYS A 113 -3.54 -11.93 -34.10
N LYS A 114 -4.06 -13.08 -33.62
CA LYS A 114 -5.10 -13.86 -34.31
C LYS A 114 -6.52 -13.36 -34.00
N LEU A 115 -6.67 -12.47 -33.00
CA LEU A 115 -7.95 -11.87 -32.69
C LEU A 115 -8.28 -10.69 -33.64
N PRO A 116 -9.57 -10.41 -33.91
CA PRO A 116 -9.88 -9.26 -34.80
C PRO A 116 -9.35 -7.93 -34.19
N PRO A 117 -9.15 -6.84 -34.94
CA PRO A 117 -8.71 -5.59 -34.29
C PRO A 117 -9.68 -5.13 -33.18
N GLN A 118 -9.13 -4.82 -32.01
CA GLN A 118 -9.95 -4.48 -30.85
C GLN A 118 -9.98 -2.99 -30.63
N PRO A 119 -11.10 -2.42 -30.13
CA PRO A 119 -11.10 -0.98 -29.83
C PRO A 119 -10.21 -0.68 -28.61
N LYS A 120 -9.83 0.57 -28.45
CA LYS A 120 -9.03 1.01 -27.30
C LYS A 120 -9.85 0.79 -26.01
N LYS A 121 -9.23 0.20 -25.00
CA LYS A 121 -9.85 -0.05 -23.72
C LYS A 121 -9.04 0.68 -22.65
N CYS A 122 -9.73 1.19 -21.63
CA CYS A 122 -9.13 1.89 -20.50
C CYS A 122 -7.96 1.06 -19.98
N HIS A 123 -6.75 1.67 -19.91
CA HIS A 123 -5.54 0.96 -19.41
C HIS A 123 -5.72 0.42 -17.98
N PHE A 124 -6.53 1.11 -17.18
CA PHE A 124 -6.76 0.72 -15.80
C PHE A 124 -7.84 -0.38 -15.59
N CYS A 125 -9.05 -0.21 -16.18
CA CYS A 125 -10.14 -1.15 -15.92
C CYS A 125 -10.63 -1.95 -17.15
N GLN A 126 -10.09 -1.66 -18.35
CA GLN A 126 -10.50 -2.31 -19.61
C GLN A 126 -11.88 -1.91 -20.16
N SER A 127 -12.49 -0.85 -19.61
CA SER A 127 -13.77 -0.37 -20.15
C SER A 127 -13.62 0.12 -21.59
N ILE A 128 -14.62 -0.16 -22.42
CA ILE A 128 -14.61 0.34 -23.80
C ILE A 128 -15.22 1.72 -23.87
N ASN A 129 -15.89 2.15 -22.78
CA ASN A 129 -16.61 3.41 -22.68
C ASN A 129 -15.81 4.64 -22.28
N HIS A 130 -14.56 4.48 -21.80
CA HIS A 130 -13.70 5.61 -21.43
C HIS A 130 -12.22 5.23 -21.54
N MET A 131 -11.36 6.26 -21.52
CA MET A 131 -9.92 6.08 -21.52
C MET A 131 -9.41 6.38 -20.11
N VAL A 132 -8.16 5.95 -19.78
CA VAL A 132 -7.57 6.05 -18.44
C VAL A 132 -7.62 7.44 -17.75
N ALA A 133 -7.42 8.53 -18.50
CA ALA A 133 -7.45 9.89 -17.95
C ALA A 133 -8.81 10.26 -17.33
N SER A 134 -9.87 9.55 -17.73
CA SER A 134 -11.24 9.76 -17.23
C SER A 134 -11.78 8.55 -16.47
N CYS A 135 -10.88 7.63 -16.04
CA CYS A 135 -11.29 6.41 -15.32
C CYS A 135 -11.87 6.70 -13.93
N PRO A 136 -13.18 6.40 -13.68
CA PRO A 136 -13.75 6.63 -12.34
C PRO A 136 -13.22 5.66 -11.28
N LEU A 137 -12.78 4.47 -11.71
CA LEU A 137 -12.22 3.46 -10.82
C LEU A 137 -10.82 3.87 -10.33
N LYS A 138 -9.99 4.42 -11.24
CA LYS A 138 -8.64 4.90 -10.92
C LYS A 138 -8.71 6.12 -9.98
N ALA A 139 -9.79 6.94 -10.09
CA ALA A 139 -10.01 8.15 -9.27
C ALA A 139 -9.79 7.94 -7.75
N GLN A 140 -10.16 6.75 -7.21
CA GLN A 140 -9.93 6.39 -5.80
C GLN A 140 -8.99 5.18 -5.69
N GLU B 4 12.46 26.10 37.67
CA GLU B 4 13.87 26.40 37.42
C GLU B 4 14.39 25.67 36.16
N PRO B 5 14.47 24.29 36.06
CA PRO B 5 14.96 23.67 34.81
C PRO B 5 14.08 24.02 33.61
N GLN B 6 14.70 24.63 32.58
CA GLN B 6 14.04 25.07 31.34
C GLN B 6 14.15 24.02 30.21
N LEU B 7 15.26 23.24 30.20
CA LEU B 7 15.61 22.20 29.22
C LEU B 7 15.59 20.82 29.87
N LEU B 8 14.71 19.93 29.37
CA LEU B 8 14.56 18.59 29.93
C LEU B 8 14.79 17.48 28.92
N HIS B 9 15.30 16.35 29.40
CA HIS B 9 15.51 15.17 28.58
C HIS B 9 14.29 14.23 28.69
N GLY B 10 13.87 13.70 27.56
CA GLY B 10 12.79 12.73 27.51
C GLY B 10 13.02 11.65 26.49
N ALA B 11 12.27 10.57 26.57
CA ALA B 11 12.33 9.46 25.62
C ALA B 11 10.95 8.86 25.46
N GLY B 12 10.71 8.22 24.33
CA GLY B 12 9.43 7.56 24.09
C GLY B 12 9.27 7.11 22.66
N ILE B 13 8.07 7.26 22.13
CA ILE B 13 7.75 6.86 20.76
C ILE B 13 6.96 7.98 20.10
N CYS B 14 6.87 7.96 18.76
CA CYS B 14 6.01 8.90 18.09
C CYS B 14 4.56 8.40 18.35
N LYS B 15 3.68 9.28 18.87
CA LYS B 15 2.27 8.92 19.11
C LYS B 15 1.56 8.91 17.73
N TRP B 16 1.69 10.01 16.98
CA TRP B 16 1.20 10.15 15.60
C TRP B 16 1.91 11.33 14.96
N PHE B 17 1.98 11.31 13.64
CA PHE B 17 2.58 12.43 12.92
C PHE B 17 1.86 12.66 11.63
N ASN B 18 1.34 13.89 11.44
CA ASN B 18 0.67 14.23 10.19
C ASN B 18 1.75 14.80 9.23
N VAL B 19 2.14 13.98 8.24
CA VAL B 19 3.23 14.25 7.29
C VAL B 19 3.04 15.55 6.50
N ARG B 20 1.83 15.76 5.97
CA ARG B 20 1.53 16.96 5.18
C ARG B 20 1.25 18.20 6.02
N MET B 21 0.85 18.03 7.28
CA MET B 21 0.66 19.19 8.16
C MET B 21 2.00 19.56 8.87
N GLY B 22 2.98 18.66 8.81
CA GLY B 22 4.32 18.87 9.40
C GLY B 22 4.38 18.90 10.92
N PHE B 23 3.47 18.22 11.59
CA PHE B 23 3.50 18.17 13.05
C PHE B 23 2.86 16.90 13.56
N GLY B 24 3.13 16.62 14.82
CA GLY B 24 2.49 15.52 15.53
C GLY B 24 2.75 15.57 17.02
N PHE B 25 2.63 14.42 17.68
CA PHE B 25 2.92 14.30 19.11
C PHE B 25 3.77 13.08 19.38
N LEU B 26 4.62 13.19 20.41
CA LEU B 26 5.43 12.12 20.94
C LEU B 26 4.76 11.63 22.21
N SER B 27 4.80 10.32 22.44
CA SER B 27 4.31 9.75 23.68
C SER B 27 5.56 9.59 24.56
N MET B 28 5.68 10.44 25.59
CA MET B 28 6.84 10.42 26.48
C MET B 28 6.64 9.37 27.55
N THR B 29 7.47 8.32 27.51
CA THR B 29 7.40 7.21 28.47
C THR B 29 8.53 7.29 29.51
N ALA B 30 9.46 8.25 29.38
CA ALA B 30 10.57 8.45 30.32
C ALA B 30 11.01 9.90 30.30
N ARG B 31 11.00 10.53 31.47
CA ARG B 31 11.38 11.92 31.64
C ARG B 31 12.59 11.93 32.57
N ALA B 32 13.68 12.60 32.12
CA ALA B 32 14.96 12.70 32.81
C ALA B 32 15.46 11.32 33.32
N GLY B 33 15.28 10.28 32.50
CA GLY B 33 15.65 8.90 32.81
C GLY B 33 14.77 8.16 33.80
N VAL B 34 13.56 8.70 34.09
CA VAL B 34 12.57 8.10 35.00
C VAL B 34 11.36 7.67 34.19
N ALA B 35 10.91 6.40 34.34
CA ALA B 35 9.73 5.89 33.63
C ALA B 35 8.47 6.66 34.02
N LEU B 36 7.66 7.04 33.00
CA LEU B 36 6.38 7.74 33.17
C LEU B 36 5.25 6.81 32.82
N ASP B 37 4.30 6.66 33.75
CA ASP B 37 3.11 5.84 33.56
C ASP B 37 1.95 6.53 34.30
N PRO B 38 0.95 7.10 33.60
CA PRO B 38 0.74 7.11 32.14
C PRO B 38 1.74 7.97 31.37
N PRO B 39 1.98 7.67 30.07
CA PRO B 39 2.85 8.53 29.27
C PRO B 39 2.22 9.92 29.06
N VAL B 40 3.03 10.91 28.70
CA VAL B 40 2.52 12.25 28.44
C VAL B 40 2.85 12.71 27.02
N ASP B 41 1.91 13.42 26.40
CA ASP B 41 2.11 13.96 25.05
C ASP B 41 3.07 15.14 24.99
N VAL B 42 3.97 15.12 24.02
CA VAL B 42 4.92 16.22 23.79
C VAL B 42 4.74 16.61 22.34
N PHE B 43 4.41 17.91 22.10
CA PHE B 43 4.24 18.40 20.73
C PHE B 43 5.54 18.31 19.92
N VAL B 44 5.43 17.99 18.64
CA VAL B 44 6.62 17.96 17.78
C VAL B 44 6.35 18.60 16.41
N HIS B 45 7.21 19.54 16.01
CA HIS B 45 7.14 20.16 14.69
C HIS B 45 8.23 19.49 13.83
N GLN B 46 7.99 19.36 12.51
CA GLN B 46 8.95 18.79 11.54
C GLN B 46 10.34 19.47 11.61
N SER B 47 10.39 20.81 11.87
CA SER B 47 11.65 21.57 11.96
C SER B 47 12.59 21.07 13.09
N LYS B 48 12.05 20.36 14.07
CA LYS B 48 12.79 19.89 15.24
C LYS B 48 13.27 18.45 15.11
N LEU B 49 13.04 17.82 13.96
CA LEU B 49 13.44 16.43 13.75
C LEU B 49 14.87 16.32 13.26
N HIS B 50 15.71 15.56 14.01
CA HIS B 50 17.09 15.34 13.59
C HIS B 50 17.10 14.16 12.59
N MET B 51 17.19 14.48 11.31
CA MET B 51 17.17 13.53 10.20
C MET B 51 17.55 14.23 8.93
N GLU B 52 17.95 13.45 7.91
CA GLU B 52 18.35 13.93 6.61
C GLU B 52 17.17 14.12 5.68
N GLY B 53 17.23 15.16 4.84
CA GLY B 53 16.21 15.41 3.84
C GLY B 53 14.85 15.80 4.37
N PHE B 54 13.81 15.23 3.78
CA PHE B 54 12.42 15.50 4.14
C PHE B 54 12.16 14.97 5.55
N ARG B 55 11.69 15.85 6.44
CA ARG B 55 11.46 15.48 7.84
C ARG B 55 9.99 15.07 8.17
N SER B 56 9.83 13.95 8.89
CA SER B 56 8.55 13.41 9.38
C SER B 56 8.87 12.29 10.32
N LEU B 57 7.87 11.78 11.02
CA LEU B 57 8.05 10.62 11.89
C LEU B 57 7.06 9.55 11.48
N LYS B 58 7.42 8.29 11.68
CA LYS B 58 6.43 7.25 11.47
C LYS B 58 5.80 6.96 12.85
N GLU B 59 4.53 6.61 12.87
CA GLU B 59 3.82 6.28 14.09
C GLU B 59 4.55 5.11 14.80
N GLY B 60 4.81 5.26 16.10
CA GLY B 60 5.47 4.23 16.90
C GLY B 60 6.98 4.17 16.90
N GLU B 61 7.66 5.00 16.08
CA GLU B 61 9.11 4.97 16.09
C GLU B 61 9.70 5.49 17.40
N ALA B 62 10.75 4.84 17.87
CA ALA B 62 11.43 5.17 19.14
C ALA B 62 12.19 6.50 19.04
N VAL B 63 12.00 7.38 20.02
CA VAL B 63 12.64 8.69 20.02
C VAL B 63 13.30 9.08 21.37
N GLU B 64 14.30 9.97 21.32
CA GLU B 64 14.96 10.61 22.47
C GLU B 64 14.88 12.06 22.10
N PHE B 65 14.64 12.93 23.08
CA PHE B 65 14.47 14.33 22.76
C PHE B 65 14.73 15.24 23.94
N THR B 66 14.96 16.51 23.62
CA THR B 66 14.98 17.58 24.59
C THR B 66 13.66 18.30 24.35
N PHE B 67 13.11 18.88 25.41
CA PHE B 67 11.83 19.59 25.32
C PHE B 67 11.79 20.66 26.39
N LYS B 68 10.77 21.52 26.28
CA LYS B 68 10.55 22.63 27.20
C LYS B 68 9.05 22.82 27.33
N LYS B 69 8.67 23.57 28.34
CA LYS B 69 7.28 23.96 28.56
C LYS B 69 7.04 25.15 27.62
N SER B 70 5.92 25.14 26.91
CA SER B 70 5.54 26.23 26.01
C SER B 70 4.18 26.71 26.46
N ALA B 71 3.68 27.84 25.88
CA ALA B 71 2.37 28.39 26.24
C ALA B 71 1.23 27.38 25.94
N LYS B 72 1.40 26.53 24.91
CA LYS B 72 0.41 25.53 24.48
C LYS B 72 0.56 24.11 25.08
N GLY B 73 1.64 23.87 25.83
CA GLY B 73 1.90 22.57 26.46
C GLY B 73 3.37 22.26 26.56
N LEU B 74 3.78 21.07 26.10
CA LEU B 74 5.18 20.63 26.10
C LEU B 74 5.63 20.61 24.64
N GLU B 75 6.80 21.19 24.37
CA GLU B 75 7.30 21.35 23.01
C GLU B 75 8.70 20.80 22.86
N SER B 76 8.87 19.92 21.87
CA SER B 76 10.14 19.30 21.49
C SER B 76 11.12 20.39 21.02
N ILE B 77 12.37 20.26 21.40
CA ILE B 77 13.40 21.18 20.96
C ILE B 77 14.19 20.48 19.86
N ARG B 78 14.59 19.22 20.10
CA ARG B 78 15.37 18.41 19.17
C ARG B 78 15.00 16.93 19.43
N VAL B 79 14.56 16.22 18.38
CA VAL B 79 14.10 14.84 18.43
C VAL B 79 15.01 13.96 17.59
N THR B 80 15.48 12.88 18.17
CA THR B 80 16.36 11.95 17.47
C THR B 80 15.85 10.54 17.75
N GLY B 81 16.47 9.57 17.10
CA GLY B 81 16.25 8.17 17.41
C GLY B 81 17.07 7.82 18.66
N PRO B 82 16.97 6.57 19.18
CA PRO B 82 17.78 6.21 20.37
C PRO B 82 19.29 6.45 20.14
N GLY B 83 19.97 6.98 21.14
CA GLY B 83 21.41 7.25 21.10
C GLY B 83 21.83 8.42 20.22
N GLY B 84 20.87 9.25 19.82
CA GLY B 84 21.13 10.43 19.01
C GLY B 84 21.18 10.20 17.50
N VAL B 85 20.82 8.98 17.05
CA VAL B 85 20.81 8.64 15.63
C VAL B 85 19.67 9.41 14.88
N PHE B 86 19.68 9.40 13.56
CA PHE B 86 18.61 10.05 12.79
C PHE B 86 17.27 9.34 12.99
N CYS B 87 16.15 10.11 12.96
CA CYS B 87 14.79 9.53 13.00
C CYS B 87 14.57 8.76 11.72
N ILE B 88 13.55 7.87 11.68
CA ILE B 88 13.24 7.08 10.48
C ILE B 88 12.42 7.87 9.47
N GLY B 89 11.26 8.33 9.91
CA GLY B 89 10.36 9.05 9.02
C GLY B 89 9.24 8.17 8.51
N SER B 90 8.20 8.82 8.00
CA SER B 90 7.01 8.14 7.49
C SER B 90 7.22 7.33 6.21
N GLU B 91 6.55 6.19 6.15
CA GLU B 91 6.47 5.29 4.99
C GLU B 91 5.66 5.94 3.82
N ARG B 92 4.93 7.06 4.11
CA ARG B 92 4.17 7.85 3.13
C ARG B 92 5.12 8.61 2.18
N ARG B 93 6.37 8.88 2.62
CA ARG B 93 7.39 9.56 1.79
C ARG B 93 8.64 8.66 1.73
N PRO B 94 8.63 7.60 0.88
CA PRO B 94 9.82 6.74 0.80
C PRO B 94 11.04 7.47 0.24
N LYS B 95 12.22 7.13 0.78
CA LYS B 95 13.49 7.70 0.33
C LYS B 95 14.27 6.70 -0.50
N GLY B 96 15.13 7.21 -1.38
CA GLY B 96 15.91 6.42 -2.33
C GLY B 96 16.96 5.51 -1.75
N GLY B 97 17.87 6.09 -0.98
CA GLY B 97 19.02 5.39 -0.42
C GLY B 97 18.79 4.40 0.71
N ASP B 98 19.81 3.56 0.93
CA ASP B 98 19.92 2.59 2.01
C ASP B 98 20.24 3.40 3.26
N ARG B 99 19.94 2.89 4.46
CA ARG B 99 20.33 3.58 5.71
C ARG B 99 21.45 2.79 6.37
N CYS B 100 22.51 3.47 6.87
CA CYS B 100 23.61 2.84 7.63
C CYS B 100 23.01 2.21 8.91
N TYR B 101 23.32 0.93 9.19
CA TYR B 101 22.76 0.21 10.37
C TYR B 101 23.29 0.77 11.69
N ASN B 102 24.45 1.43 11.63
CA ASN B 102 25.00 2.08 12.79
C ASN B 102 24.36 3.44 13.07
N CYS B 103 24.40 4.38 12.15
CA CYS B 103 23.89 5.74 12.45
C CYS B 103 22.54 6.12 11.81
N GLY B 104 22.10 5.33 10.84
CA GLY B 104 20.87 5.61 10.10
C GLY B 104 21.03 6.57 8.93
N GLY B 105 22.28 6.99 8.66
CA GLY B 105 22.63 7.91 7.58
C GLY B 105 22.52 7.28 6.20
N LEU B 106 22.18 8.09 5.18
CA LEU B 106 22.01 7.67 3.79
C LEU B 106 23.31 7.42 3.01
N ASP B 107 24.36 8.21 3.29
CA ASP B 107 25.65 8.21 2.60
C ASP B 107 26.36 6.85 2.33
N HIS B 108 26.41 5.98 3.35
CA HIS B 108 27.26 4.80 3.47
C HIS B 108 26.60 3.61 4.22
N HIS B 109 27.36 2.54 4.40
CA HIS B 109 27.02 1.33 5.15
C HIS B 109 27.82 1.30 6.46
N ALA B 110 27.36 0.50 7.43
CA ALA B 110 27.96 0.37 8.77
C ALA B 110 29.48 0.16 8.81
N LYS B 111 30.05 -0.63 7.86
CA LYS B 111 31.51 -0.84 7.82
C LYS B 111 32.31 0.42 7.48
N GLU B 112 31.71 1.37 6.74
CA GLU B 112 32.31 2.66 6.38
C GLU B 112 31.91 3.76 7.37
N CYS B 113 31.03 3.47 8.38
CA CYS B 113 30.56 4.48 9.36
C CYS B 113 31.70 5.08 10.19
N LYS B 114 31.82 6.42 10.21
CA LYS B 114 32.84 7.12 11.00
C LYS B 114 32.32 7.44 12.42
N LEU B 115 31.02 7.24 12.66
CA LEU B 115 30.39 7.55 13.93
C LEU B 115 30.67 6.52 14.99
N PRO B 116 30.57 6.91 16.31
CA PRO B 116 30.77 5.94 17.40
C PRO B 116 29.77 4.78 17.34
N PRO B 117 30.21 3.59 17.84
CA PRO B 117 29.35 2.41 17.75
C PRO B 117 28.02 2.58 18.48
N GLN B 118 26.94 2.21 17.82
CA GLN B 118 25.60 2.34 18.39
C GLN B 118 25.02 0.94 18.69
N PRO B 119 24.16 0.76 19.70
CA PRO B 119 23.56 -0.58 19.91
C PRO B 119 22.61 -0.95 18.77
N LYS B 120 22.37 -2.26 18.59
CA LYS B 120 21.45 -2.73 17.56
C LYS B 120 20.03 -2.23 17.87
N LYS B 121 19.36 -1.69 16.86
CA LYS B 121 17.97 -1.19 16.98
C LYS B 121 17.13 -1.83 15.91
N CYS B 122 15.86 -2.07 16.23
CA CYS B 122 14.89 -2.63 15.29
C CYS B 122 14.92 -1.85 13.98
N HIS B 123 15.16 -2.51 12.83
CA HIS B 123 15.21 -1.83 11.53
C HIS B 123 13.88 -1.09 11.18
N PHE B 124 12.76 -1.59 11.72
CA PHE B 124 11.44 -1.00 11.46
C PHE B 124 11.07 0.19 12.35
N CYS B 125 11.21 0.05 13.70
CA CYS B 125 10.76 1.13 14.63
C CYS B 125 11.88 1.77 15.46
N GLN B 126 13.11 1.24 15.36
CA GLN B 126 14.31 1.71 16.10
C GLN B 126 14.34 1.42 17.59
N SER B 127 13.39 0.61 18.08
CA SER B 127 13.33 0.17 19.48
C SER B 127 14.59 -0.63 19.85
N ILE B 128 15.16 -0.36 21.02
CA ILE B 128 16.36 -1.07 21.48
C ILE B 128 15.97 -2.38 22.17
N ASN B 129 14.67 -2.60 22.44
CA ASN B 129 14.17 -3.80 23.11
C ASN B 129 13.89 -5.06 22.26
N HIS B 130 13.86 -4.91 20.93
CA HIS B 130 13.62 -6.05 20.02
C HIS B 130 14.29 -5.81 18.67
N MET B 131 14.39 -6.88 17.86
CA MET B 131 14.90 -6.82 16.49
C MET B 131 13.69 -6.94 15.55
N VAL B 132 13.86 -6.56 14.27
CA VAL B 132 12.78 -6.52 13.25
C VAL B 132 11.93 -7.79 13.09
N ALA B 133 12.53 -8.99 13.18
CA ALA B 133 11.81 -10.27 13.07
C ALA B 133 10.71 -10.42 14.13
N SER B 134 10.83 -9.69 15.26
CA SER B 134 9.88 -9.73 16.38
C SER B 134 9.19 -8.38 16.61
N CYS B 135 9.22 -7.47 15.60
CA CYS B 135 8.63 -6.14 15.73
C CYS B 135 7.09 -6.16 15.84
N PRO B 136 6.50 -5.74 17.00
CA PRO B 136 5.02 -5.74 17.12
C PRO B 136 4.35 -4.65 16.26
N LEU B 137 5.10 -3.58 15.94
CA LEU B 137 4.62 -2.49 15.10
C LEU B 137 4.52 -2.93 13.64
N LYS B 138 5.53 -3.68 13.16
CA LYS B 138 5.57 -4.24 11.80
C LYS B 138 4.47 -5.29 11.62
N ALA B 139 4.11 -5.99 12.73
CA ALA B 139 3.06 -7.00 12.80
C ALA B 139 1.68 -6.34 13.04
N GLN B 140 1.38 -5.28 12.25
CA GLN B 140 0.13 -4.50 12.24
C GLN B 140 -0.13 -4.00 10.82
#